data_4UDT
#
_entry.id   4UDT
#
_cell.length_a   39.071
_cell.length_b   79.747
_cell.length_c   69.035
_cell.angle_alpha   90.00
_cell.angle_beta   105.86
_cell.angle_gamma   90.00
#
_symmetry.space_group_name_H-M   'P 1 21 1'
#
loop_
_entity.id
_entity.type
_entity.pdbx_description
1 polymer 'T CELL RECEPTOR ALPHA CHAIN, T-CELL RECEPTOR ALPHA CHAIN C REGION'
2 polymer 'PROTEIN TRBV7-9, T-CELL RECEPTOR BETA-2 CHAIN C REGION'
3 non-polymer GLYCEROL
4 water water
#
loop_
_entity_poly.entity_id
_entity_poly.type
_entity_poly.pdbx_seq_one_letter_code
_entity_poly.pdbx_strand_id
1 'polypeptide(L)'
;MGIQVEQSPPDLILQEGANSTLRCNFSDSVNNLQWFHQNPWGQLINLFYIPSGTKQNGRLSATTVATERYSLLYISSSQT
TDSGVYFCAVDSATSGTYKYIFGTGTRLKVLANIQNPDPAVYQLRDSKSSDKSVCLFTDFDSQTNVSQSKDSDVYITDKC
VLDMRSMDFKSNSAVAWSNKSDFACANAFNNSIIPEDTFFPSPESS
;
A
2 'polypeptide(L)'
;MDTGVSQNPRHKITKRGQNVTFRCDPISEHNRLYWYRQTLGQGPEFLTYFQNEAQLEKSRLLSDRFSAERPKGSFSTLEI
QRTEQGDSAMYLCASSLGGYEQYFGPGTRLTVTEDLKNVFPPEVAVFVPSEAEISHTQKATLVCLATGFYPDHVELSWWV
NGKEVHSGVCTDPQPLKEQPALNDSRYALSSRLRVSATFWQDPRNHFRCQVQFYGLSENDEWTQDRAKPVTQIVSAEAWG
RAD
;
B
#
# COMPACT_ATOMS: atom_id res chain seq x y z
N GLY A 2 1.00 -29.65 9.56
CA GLY A 2 0.42 -30.71 8.66
C GLY A 2 -0.30 -30.14 7.46
N ILE A 3 -1.31 -29.30 7.71
CA ILE A 3 -2.10 -28.68 6.63
C ILE A 3 -1.23 -27.76 5.78
N GLN A 4 -1.30 -27.95 4.46
CA GLN A 4 -0.59 -27.10 3.51
C GLN A 4 -1.56 -26.47 2.51
N VAL A 5 -1.20 -25.29 2.04
CA VAL A 5 -1.98 -24.55 1.07
C VAL A 5 -1.09 -24.15 -0.12
N GLU A 6 -1.56 -24.43 -1.34
CA GLU A 6 -0.85 -24.11 -2.58
C GLU A 6 -1.76 -23.25 -3.46
N GLN A 7 -1.32 -22.01 -3.73
CA GLN A 7 -2.06 -21.13 -4.64
C GLN A 7 -1.43 -21.06 -6.02
N SER A 8 -2.28 -20.96 -7.03
CA SER A 8 -1.81 -20.81 -8.40
C SER A 8 -2.76 -19.90 -9.17
N PRO A 9 -2.22 -19.11 -10.12
CA PRO A 9 -0.80 -18.93 -10.41
C PRO A 9 -0.17 -17.99 -9.39
N PRO A 10 1.17 -18.06 -9.19
CA PRO A 10 1.79 -17.11 -8.25
C PRO A 10 1.73 -15.66 -8.71
N ASP A 11 1.78 -15.47 -10.04
CA ASP A 11 1.75 -14.15 -10.64
C ASP A 11 0.70 -14.16 -11.76
N LEU A 12 -0.08 -13.08 -11.85
CA LEU A 12 -1.10 -12.95 -12.88
C LEU A 12 -1.08 -11.53 -13.43
N ILE A 13 -1.00 -11.42 -14.77
CA ILE A 13 -1.10 -10.12 -15.44
C ILE A 13 -2.32 -10.16 -16.33
N LEU A 14 -3.23 -9.20 -16.13
CA LEU A 14 -4.46 -9.15 -16.94
C LEU A 14 -4.60 -7.80 -17.60
N GLN A 15 -5.15 -7.79 -18.80
CA GLN A 15 -5.59 -6.56 -19.43
C GLN A 15 -6.97 -6.23 -18.87
N GLU A 16 -7.20 -4.97 -18.53
CA GLU A 16 -8.50 -4.50 -18.03
C GLU A 16 -9.65 -5.07 -18.86
N GLY A 17 -10.62 -5.67 -18.18
CA GLY A 17 -11.80 -6.29 -18.80
C GLY A 17 -11.69 -7.80 -18.91
N ALA A 18 -10.47 -8.33 -18.86
CA ALA A 18 -10.27 -9.77 -18.92
C ALA A 18 -10.79 -10.44 -17.64
N ASN A 19 -11.22 -11.68 -17.79
CA ASN A 19 -11.59 -12.54 -16.68
C ASN A 19 -10.42 -13.45 -16.30
N SER A 20 -10.43 -13.96 -15.09
CA SER A 20 -9.45 -14.95 -14.70
C SER A 20 -9.95 -15.77 -13.53
N THR A 21 -9.28 -16.91 -13.32
CA THR A 21 -9.61 -17.83 -12.24
C THR A 21 -8.36 -18.08 -11.43
N LEU A 22 -8.46 -17.83 -10.12
CA LEU A 22 -7.38 -18.13 -9.17
C LEU A 22 -7.72 -19.42 -8.45
N ARG A 23 -6.69 -20.18 -8.09
CA ARG A 23 -6.89 -21.52 -7.52
C ARG A 23 -6.17 -21.64 -6.18
N CYS A 24 -6.81 -22.37 -5.26
CA CYS A 24 -6.22 -22.67 -3.98
C CYS A 24 -6.41 -24.17 -3.77
N ASN A 25 -5.30 -24.88 -3.65
CA ASN A 25 -5.32 -26.31 -3.33
C ASN A 25 -4.87 -26.49 -1.91
N PHE A 26 -5.57 -27.33 -1.17
CA PHE A 26 -5.20 -27.59 0.22
C PHE A 26 -5.11 -29.09 0.47
N SER A 27 -4.39 -29.48 1.54
CA SER A 27 -3.91 -30.86 1.66
C SER A 27 -4.85 -31.82 2.40
N ASP A 28 -5.78 -31.29 3.17
N ASP A 28 -5.79 -31.27 3.16
CA ASP A 28 -6.66 -32.13 3.95
CA ASP A 28 -6.60 -32.07 4.08
C ASP A 28 -7.97 -31.42 4.20
C ASP A 28 -7.97 -31.43 4.19
N SER A 29 -8.89 -32.13 4.84
CA SER A 29 -10.20 -31.60 5.14
C SER A 29 -10.10 -30.31 5.97
N VAL A 30 -10.92 -29.32 5.64
CA VAL A 30 -10.92 -28.04 6.35
C VAL A 30 -12.30 -27.76 6.90
N ASN A 31 -12.34 -26.99 7.98
CA ASN A 31 -13.60 -26.47 8.51
C ASN A 31 -13.90 -25.09 7.97
N ASN A 32 -12.85 -24.29 7.80
CA ASN A 32 -12.97 -22.91 7.39
C ASN A 32 -12.03 -22.62 6.22
N LEU A 33 -12.51 -21.80 5.30
CA LEU A 33 -11.67 -21.31 4.18
C LEU A 33 -12.10 -19.89 3.88
N GLN A 34 -11.15 -18.98 3.73
CA GLN A 34 -11.45 -17.61 3.32
C GLN A 34 -10.50 -17.14 2.25
N TRP A 35 -11.05 -16.34 1.34
CA TRP A 35 -10.29 -15.63 0.35
C TRP A 35 -10.22 -14.17 0.75
N PHE A 36 -9.05 -13.56 0.56
CA PHE A 36 -8.81 -12.16 0.91
C PHE A 36 -8.11 -11.42 -0.22
N HIS A 37 -8.33 -10.12 -0.26
CA HIS A 37 -7.57 -9.22 -1.12
C HIS A 37 -6.70 -8.34 -0.24
N GLN A 38 -5.39 -8.36 -0.49
CA GLN A 38 -4.47 -7.41 0.07
C GLN A 38 -4.07 -6.44 -1.04
N ASN A 39 -4.47 -5.20 -0.88
CA ASN A 39 -4.21 -4.21 -1.93
C ASN A 39 -2.73 -3.79 -1.92
N PRO A 40 -2.28 -3.06 -2.95
CA PRO A 40 -0.88 -2.62 -3.00
C PRO A 40 -0.39 -1.87 -1.75
N TRP A 41 -1.30 -1.24 -1.02
N TRP A 41 -1.30 -1.23 -1.02
CA TRP A 41 -0.99 -0.53 0.22
CA TRP A 41 -0.97 -0.54 0.22
C TRP A 41 -0.80 -1.48 1.42
C TRP A 41 -0.80 -1.48 1.42
N GLY A 42 -1.09 -2.76 1.23
CA GLY A 42 -0.92 -3.78 2.28
C GLY A 42 -2.13 -3.98 3.18
N GLN A 43 -3.29 -3.51 2.75
CA GLN A 43 -4.53 -3.67 3.53
C GLN A 43 -5.20 -4.99 3.17
N LEU A 44 -5.47 -5.82 4.18
CA LEU A 44 -6.10 -7.15 4.00
C LEU A 44 -7.62 -7.08 4.21
N ILE A 45 -8.37 -7.42 3.15
N ILE A 45 -8.44 -7.47 3.22
CA ILE A 45 -9.84 -7.37 3.12
CA ILE A 45 -9.92 -7.49 3.42
C ILE A 45 -10.39 -8.77 2.83
C ILE A 45 -10.65 -8.75 2.91
N ASN A 46 -11.50 -9.14 3.48
N ASN A 46 -11.66 -9.20 3.65
CA ASN A 46 -12.11 -10.44 3.20
CA ASN A 46 -12.46 -10.38 3.29
C ASN A 46 -13.10 -10.41 2.03
C ASN A 46 -13.02 -10.29 1.89
N LEU A 47 -12.98 -11.41 1.15
CA LEU A 47 -13.79 -11.54 -0.08
C LEU A 47 -14.88 -12.59 0.11
N PHE A 48 -14.50 -13.77 0.59
CA PHE A 48 -15.46 -14.86 0.74
C PHE A 48 -15.07 -15.79 1.89
N TYR A 49 -16.08 -16.20 2.67
CA TYR A 49 -15.95 -17.34 3.58
C TYR A 49 -16.61 -18.53 2.85
N ILE A 50 -15.82 -19.53 2.50
CA ILE A 50 -16.29 -20.56 1.59
C ILE A 50 -15.57 -21.91 1.75
N PRO A 51 -15.83 -22.60 2.89
CA PRO A 51 -15.30 -23.97 3.02
C PRO A 51 -15.98 -24.99 2.09
N SER A 52 -17.13 -24.64 1.53
CA SER A 52 -17.86 -25.50 0.61
C SER A 52 -18.87 -24.67 -0.17
N GLY A 53 -19.32 -25.21 -1.30
CA GLY A 53 -20.39 -24.61 -2.06
C GLY A 53 -19.92 -23.48 -2.97
N THR A 54 -20.84 -22.58 -3.31
CA THR A 54 -20.55 -21.47 -4.20
C THR A 54 -21.03 -20.18 -3.55
N LYS A 55 -20.45 -19.05 -3.96
CA LYS A 55 -20.83 -17.73 -3.49
C LYS A 55 -20.61 -16.71 -4.60
N GLN A 56 -21.46 -15.68 -4.64
CA GLN A 56 -21.38 -14.61 -5.63
C GLN A 56 -21.28 -13.27 -4.90
N ASN A 57 -20.45 -12.37 -5.41
CA ASN A 57 -20.34 -11.01 -4.87
C ASN A 57 -19.90 -10.02 -5.96
N GLY A 58 -20.88 -9.51 -6.70
CA GLY A 58 -20.60 -8.61 -7.83
C GLY A 58 -19.80 -9.30 -8.94
N ARG A 59 -18.67 -8.69 -9.31
CA ARG A 59 -17.79 -9.26 -10.33
C ARG A 59 -16.98 -10.45 -9.85
N LEU A 60 -16.99 -10.69 -8.54
CA LEU A 60 -16.25 -11.80 -7.95
C LEU A 60 -17.20 -12.93 -7.60
N SER A 61 -16.76 -14.15 -7.83
CA SER A 61 -17.48 -15.31 -7.32
C SER A 61 -16.50 -16.39 -6.94
N ALA A 62 -16.96 -17.40 -6.20
CA ALA A 62 -16.06 -18.46 -5.77
C ALA A 62 -16.79 -19.80 -5.68
N THR A 63 -16.01 -20.87 -5.77
N THR A 63 -16.01 -20.87 -5.78
CA THR A 63 -16.54 -22.20 -5.57
CA THR A 63 -16.49 -22.23 -5.63
C THR A 63 -15.49 -23.05 -4.87
C THR A 63 -15.46 -23.00 -4.83
N THR A 64 -15.91 -23.81 -3.87
CA THR A 64 -15.01 -24.71 -3.14
C THR A 64 -15.56 -26.11 -3.27
N VAL A 65 -14.72 -27.01 -3.79
CA VAL A 65 -15.08 -28.41 -3.99
C VAL A 65 -14.35 -29.18 -2.89
N ALA A 66 -15.02 -29.35 -1.77
CA ALA A 66 -14.40 -29.87 -0.55
C ALA A 66 -13.84 -31.26 -0.76
N THR A 67 -14.59 -32.10 -1.47
CA THR A 67 -14.20 -33.49 -1.71
C THR A 67 -12.92 -33.62 -2.56
N GLU A 68 -12.67 -32.65 -3.44
CA GLU A 68 -11.45 -32.59 -4.26
C GLU A 68 -10.40 -31.60 -3.70
N ARG A 69 -10.70 -31.01 -2.55
N ARG A 69 -10.68 -31.00 -2.55
CA ARG A 69 -9.79 -30.15 -1.80
CA ARG A 69 -9.72 -30.18 -1.82
C ARG A 69 -9.20 -29.00 -2.61
C ARG A 69 -9.18 -28.99 -2.62
N TYR A 70 -10.06 -28.26 -3.31
CA TYR A 70 -9.66 -27.03 -3.98
C TYR A 70 -10.75 -25.97 -3.95
N SER A 71 -10.32 -24.72 -4.09
CA SER A 71 -11.22 -23.58 -4.20
C SER A 71 -10.80 -22.71 -5.36
N LEU A 72 -11.79 -22.15 -6.05
CA LEU A 72 -11.54 -21.26 -7.18
C LEU A 72 -12.15 -19.89 -6.90
N LEU A 73 -11.41 -18.83 -7.17
CA LEU A 73 -11.92 -17.48 -7.10
C LEU A 73 -11.99 -16.97 -8.53
N TYR A 74 -13.18 -16.59 -8.97
CA TYR A 74 -13.39 -16.10 -10.32
C TYR A 74 -13.46 -14.57 -10.32
N ILE A 75 -12.61 -13.93 -11.11
CA ILE A 75 -12.68 -12.49 -11.30
C ILE A 75 -13.22 -12.23 -12.71
N SER A 76 -14.34 -11.51 -12.77
CA SER A 76 -14.95 -11.11 -14.04
C SER A 76 -14.66 -9.64 -14.35
N SER A 77 -14.40 -9.35 -15.62
CA SER A 77 -14.32 -7.99 -16.10
C SER A 77 -13.40 -7.16 -15.21
N SER A 78 -12.14 -7.59 -15.14
CA SER A 78 -11.17 -7.03 -14.21
C SER A 78 -11.02 -5.52 -14.38
N GLN A 79 -10.82 -4.84 -13.26
CA GLN A 79 -10.58 -3.40 -13.20
C GLN A 79 -9.22 -3.14 -12.55
N THR A 80 -8.63 -1.97 -12.77
CA THR A 80 -7.29 -1.69 -12.26
C THR A 80 -7.22 -1.78 -10.73
N THR A 81 -8.33 -1.45 -10.06
CA THR A 81 -8.45 -1.53 -8.60
C THR A 81 -8.45 -2.96 -8.04
N ASP A 82 -8.58 -3.96 -8.91
CA ASP A 82 -8.45 -5.35 -8.50
C ASP A 82 -6.98 -5.73 -8.24
N SER A 83 -6.03 -4.91 -8.68
CA SER A 83 -4.62 -5.24 -8.50
C SER A 83 -4.28 -5.42 -7.02
N GLY A 84 -3.33 -6.32 -6.75
CA GLY A 84 -2.88 -6.58 -5.39
C GLY A 84 -2.57 -8.05 -5.20
N VAL A 85 -2.60 -8.51 -3.96
CA VAL A 85 -2.31 -9.91 -3.70
C VAL A 85 -3.57 -10.57 -3.16
N TYR A 86 -3.89 -11.73 -3.71
CA TYR A 86 -5.05 -12.49 -3.28
C TYR A 86 -4.58 -13.69 -2.48
N PHE A 87 -5.09 -13.82 -1.26
CA PHE A 87 -4.73 -14.91 -0.38
C PHE A 87 -5.90 -15.85 -0.15
N CYS A 88 -5.59 -17.13 -0.09
CA CYS A 88 -6.46 -18.17 0.42
C CYS A 88 -5.92 -18.58 1.79
N ALA A 89 -6.81 -18.81 2.75
CA ALA A 89 -6.45 -19.30 4.07
C ALA A 89 -7.38 -20.43 4.44
N VAL A 90 -6.84 -21.45 5.10
CA VAL A 90 -7.63 -22.57 5.60
C VAL A 90 -7.22 -22.91 7.03
N ASP A 91 -8.10 -23.58 7.76
CA ASP A 91 -7.71 -24.13 9.06
C ASP A 91 -7.40 -25.61 8.87
N SER A 92 -7.14 -26.32 9.96
CA SER A 92 -7.11 -27.77 9.91
C SER A 92 -8.35 -28.32 10.58
N ALA A 93 -8.85 -29.44 10.07
CA ALA A 93 -9.88 -30.21 10.78
C ALA A 93 -9.19 -31.19 11.73
N THR A 94 -8.18 -30.70 12.45
CA THR A 94 -7.36 -31.53 13.33
C THR A 94 -6.71 -30.70 14.45
N SER A 95 -7.51 -29.82 15.07
CA SER A 95 -7.04 -29.02 16.21
C SER A 95 -8.20 -28.46 17.06
N GLY A 96 -9.18 -27.83 16.41
CA GLY A 96 -10.32 -27.21 17.11
C GLY A 96 -10.10 -25.74 17.46
N THR A 97 -8.91 -25.23 17.17
CA THR A 97 -8.56 -23.84 17.43
C THR A 97 -9.01 -22.96 16.28
N TYR A 98 -8.94 -23.53 15.07
CA TYR A 98 -9.34 -22.85 13.86
C TYR A 98 -8.46 -21.62 13.58
N LYS A 99 -7.16 -21.71 13.88
CA LYS A 99 -6.20 -20.74 13.33
C LYS A 99 -6.13 -20.91 11.81
N TYR A 100 -5.94 -19.81 11.10
CA TYR A 100 -5.74 -19.86 9.64
C TYR A 100 -4.27 -19.98 9.28
N ILE A 101 -4.03 -20.82 8.29
CA ILE A 101 -2.77 -20.93 7.58
C ILE A 101 -3.01 -20.29 6.21
N PHE A 102 -2.22 -19.29 5.86
CA PHE A 102 -2.38 -18.56 4.62
C PHE A 102 -1.47 -19.11 3.54
N GLY A 103 -1.97 -19.11 2.30
CA GLY A 103 -1.14 -19.40 1.13
C GLY A 103 -0.16 -18.28 0.88
N THR A 104 0.74 -18.49 -0.07
CA THR A 104 1.74 -17.48 -0.43
C THR A 104 1.21 -16.45 -1.43
N GLY A 105 -0.05 -16.60 -1.85
CA GLY A 105 -0.75 -15.59 -2.61
C GLY A 105 -0.59 -15.63 -4.12
N THR A 106 -1.56 -15.03 -4.80
CA THR A 106 -1.46 -14.74 -6.21
C THR A 106 -1.33 -13.23 -6.34
N ARG A 107 -0.25 -12.76 -6.94
N ARG A 107 -0.24 -12.76 -6.94
CA ARG A 107 -0.05 -11.34 -7.19
CA ARG A 107 -0.04 -11.35 -7.21
C ARG A 107 -0.68 -10.96 -8.52
C ARG A 107 -0.70 -10.98 -8.53
N LEU A 108 -1.66 -10.07 -8.48
CA LEU A 108 -2.40 -9.65 -9.69
C LEU A 108 -2.07 -8.21 -10.06
N LYS A 109 -1.67 -8.01 -11.32
N LYS A 109 -1.70 -8.01 -11.33
CA LYS A 109 -1.52 -6.70 -11.90
CA LYS A 109 -1.51 -6.68 -11.90
C LYS A 109 -2.53 -6.58 -13.05
C LYS A 109 -2.50 -6.55 -13.05
N VAL A 110 -3.43 -5.61 -12.96
CA VAL A 110 -4.37 -5.32 -14.03
C VAL A 110 -3.88 -4.09 -14.80
N LEU A 111 -3.66 -4.25 -16.10
CA LEU A 111 -3.12 -3.21 -16.98
C LEU A 111 -4.27 -2.36 -17.53
N ALA A 112 -4.19 -1.05 -17.34
CA ALA A 112 -5.25 -0.16 -17.81
C ALA A 112 -5.33 -0.16 -19.32
N ASN A 113 -6.55 -0.04 -19.83
CA ASN A 113 -6.73 0.16 -21.24
C ASN A 113 -6.50 1.64 -21.56
N ILE A 114 -5.46 1.89 -22.36
CA ILE A 114 -5.09 3.23 -22.79
C ILE A 114 -5.54 3.38 -24.23
N GLN A 115 -6.47 4.31 -24.46
CA GLN A 115 -7.11 4.48 -25.77
C GLN A 115 -6.10 4.86 -26.86
N ASN A 116 -5.25 5.83 -26.54
CA ASN A 116 -4.28 6.36 -27.49
C ASN A 116 -3.02 6.83 -26.77
N PRO A 117 -2.07 5.91 -26.53
CA PRO A 117 -0.84 6.28 -25.85
C PRO A 117 -0.13 7.45 -26.54
N ASP A 118 0.51 8.28 -25.73
CA ASP A 118 1.24 9.46 -26.20
C ASP A 118 2.53 9.58 -25.35
N PRO A 119 3.36 8.53 -25.38
CA PRO A 119 4.51 8.51 -24.47
C PRO A 119 5.38 9.76 -24.59
N ALA A 120 5.71 10.37 -23.46
CA ALA A 120 6.49 11.60 -23.46
C ALA A 120 7.23 11.77 -22.14
N VAL A 121 8.35 12.48 -22.19
CA VAL A 121 9.09 12.84 -20.98
C VAL A 121 9.14 14.37 -20.86
N TYR A 122 8.60 14.88 -19.74
CA TYR A 122 8.51 16.32 -19.47
C TYR A 122 9.30 16.70 -18.24
N GLN A 123 9.81 17.92 -18.23
CA GLN A 123 10.45 18.48 -17.05
C GLN A 123 9.48 19.42 -16.33
N LEU A 124 9.36 19.24 -15.00
CA LEU A 124 8.50 20.07 -14.17
C LEU A 124 9.33 20.76 -13.08
N ARG A 125 9.10 22.06 -12.90
N ARG A 125 9.11 22.06 -12.90
CA ARG A 125 9.84 22.87 -11.94
CA ARG A 125 9.88 22.84 -11.92
C ARG A 125 9.09 23.01 -10.63
C ARG A 125 9.09 23.02 -10.63
N ASP A 126 9.82 23.16 -9.53
CA ASP A 126 9.23 23.33 -8.21
C ASP A 126 8.45 24.64 -8.12
N SER A 127 7.30 24.59 -7.46
CA SER A 127 6.42 25.76 -7.33
C SER A 127 7.13 26.92 -6.60
N LYS A 128 8.01 26.59 -5.65
CA LYS A 128 8.75 27.59 -4.89
C LYS A 128 10.00 28.09 -5.63
N SER A 129 10.94 27.18 -5.90
CA SER A 129 12.24 27.56 -6.48
C SER A 129 12.43 27.01 -7.89
N SER A 130 13.21 27.74 -8.70
CA SER A 130 13.56 27.31 -10.05
C SER A 130 14.71 26.30 -10.06
N ASP A 131 15.37 26.13 -8.92
CA ASP A 131 16.51 25.21 -8.82
C ASP A 131 16.08 23.74 -8.94
N LYS A 132 14.95 23.39 -8.31
CA LYS A 132 14.50 22.00 -8.23
C LYS A 132 13.56 21.63 -9.38
N SER A 133 13.72 20.42 -9.90
CA SER A 133 12.81 19.87 -10.90
C SER A 133 12.66 18.35 -10.79
N VAL A 134 11.62 17.83 -11.43
CA VAL A 134 11.46 16.40 -11.61
C VAL A 134 11.25 16.14 -13.10
N CYS A 135 11.44 14.88 -13.51
CA CYS A 135 11.13 14.44 -14.85
C CYS A 135 9.94 13.51 -14.79
N LEU A 136 8.95 13.75 -15.63
CA LEU A 136 7.72 12.99 -15.65
C LEU A 136 7.63 12.23 -16.98
N PHE A 137 7.65 10.90 -16.90
CA PHE A 137 7.40 10.03 -18.04
C PHE A 137 5.92 9.70 -17.97
N THR A 138 5.17 10.07 -19.01
CA THR A 138 3.72 9.95 -18.95
C THR A 138 3.10 9.56 -20.27
N ASP A 139 1.87 9.06 -20.16
CA ASP A 139 1.01 8.71 -21.28
C ASP A 139 1.47 7.50 -22.08
N PHE A 140 2.35 6.70 -21.46
CA PHE A 140 2.82 5.46 -22.05
C PHE A 140 1.80 4.35 -21.87
N ASP A 141 1.86 3.35 -22.74
CA ASP A 141 0.93 2.24 -22.68
C ASP A 141 1.26 1.37 -21.45
N SER A 142 0.26 0.68 -20.93
CA SER A 142 0.36 0.03 -19.63
C SER A 142 1.36 -1.11 -19.55
N GLN A 143 1.71 -1.70 -20.69
CA GLN A 143 2.72 -2.77 -20.75
C GLN A 143 4.16 -2.27 -20.61
N THR A 144 4.35 -0.95 -20.67
CA THR A 144 5.67 -0.37 -20.51
C THR A 144 6.22 -0.69 -19.11
N ASN A 145 7.50 -1.03 -19.04
CA ASN A 145 8.16 -1.26 -17.76
C ASN A 145 9.17 -0.16 -17.46
N VAL A 146 9.08 0.40 -16.26
CA VAL A 146 9.98 1.46 -15.81
C VAL A 146 11.02 0.84 -14.88
N SER A 147 12.28 0.94 -15.28
N SER A 147 12.29 0.94 -15.27
CA SER A 147 13.40 0.38 -14.50
CA SER A 147 13.39 0.37 -14.50
C SER A 147 13.95 1.37 -13.49
C SER A 147 13.95 1.37 -13.49
N GLN A 148 14.58 0.86 -12.44
CA GLN A 148 15.34 1.70 -11.53
C GLN A 148 16.62 2.18 -12.21
N SER A 149 17.21 3.26 -11.72
CA SER A 149 18.47 3.78 -12.22
C SER A 149 19.62 2.98 -11.63
N LYS A 150 20.73 2.92 -12.36
CA LYS A 150 21.98 2.37 -11.83
C LYS A 150 22.78 3.44 -11.10
N ASP A 151 22.34 4.70 -11.23
CA ASP A 151 22.97 5.82 -10.52
C ASP A 151 22.26 5.99 -9.17
N SER A 152 23.06 5.90 -8.10
CA SER A 152 22.52 5.93 -6.72
C SER A 152 21.91 7.28 -6.34
N ASP A 153 22.18 8.33 -7.11
CA ASP A 153 21.64 9.65 -6.82
C ASP A 153 20.44 10.00 -7.68
N VAL A 154 19.96 9.03 -8.47
CA VAL A 154 18.76 9.19 -9.26
C VAL A 154 17.68 8.25 -8.75
N TYR A 155 16.50 8.80 -8.49
CA TYR A 155 15.37 8.09 -7.88
C TYR A 155 14.28 8.02 -8.93
N ILE A 156 13.77 6.81 -9.15
CA ILE A 156 12.70 6.58 -10.13
C ILE A 156 11.61 5.76 -9.49
N THR A 157 10.39 6.27 -9.61
CA THR A 157 9.25 5.60 -9.03
C THR A 157 8.72 4.53 -9.98
N ASP A 158 7.89 3.65 -9.44
CA ASP A 158 7.17 2.72 -10.31
C ASP A 158 6.05 3.49 -11.02
N LYS A 159 5.45 2.83 -12.00
CA LYS A 159 4.33 3.39 -12.72
C LYS A 159 3.03 3.31 -11.91
N CYS A 160 2.18 4.33 -12.07
CA CYS A 160 0.80 4.27 -11.59
C CYS A 160 -0.14 4.85 -12.62
N VAL A 161 -1.39 4.41 -12.54
CA VAL A 161 -2.43 4.87 -13.44
C VAL A 161 -3.41 5.77 -12.70
N LEU A 162 -3.71 6.91 -13.32
CA LEU A 162 -4.74 7.81 -12.83
C LEU A 162 -5.92 7.79 -13.82
N ASP A 163 -7.11 8.11 -13.32
CA ASP A 163 -8.32 8.05 -14.09
C ASP A 163 -9.01 9.41 -13.98
N MET A 164 -9.06 10.13 -15.10
CA MET A 164 -9.77 11.39 -15.16
C MET A 164 -11.20 11.00 -15.55
N ARG A 165 -11.99 10.69 -14.52
N ARG A 165 -11.99 10.69 -14.52
CA ARG A 165 -13.29 10.04 -14.67
CA ARG A 165 -13.31 10.07 -14.66
C ARG A 165 -14.24 10.74 -15.64
C ARG A 165 -14.20 10.76 -15.68
N SER A 166 -14.31 12.07 -15.55
CA SER A 166 -15.25 12.85 -16.35
C SER A 166 -14.87 12.94 -17.83
N MET A 167 -13.60 12.75 -18.15
CA MET A 167 -13.14 12.74 -19.54
C MET A 167 -13.06 11.33 -20.13
N ASP A 168 -13.43 10.30 -19.35
CA ASP A 168 -13.31 8.91 -19.80
C ASP A 168 -11.88 8.65 -20.27
N PHE A 169 -10.90 9.05 -19.46
CA PHE A 169 -9.49 9.07 -19.84
C PHE A 169 -8.62 8.52 -18.71
N LYS A 170 -7.72 7.61 -19.04
CA LYS A 170 -6.72 7.11 -18.09
C LYS A 170 -5.33 7.35 -18.63
N SER A 171 -4.38 7.51 -17.72
CA SER A 171 -2.98 7.66 -18.10
C SER A 171 -2.04 7.10 -17.05
N ASN A 172 -0.95 6.53 -17.54
CA ASN A 172 0.13 6.00 -16.74
C ASN A 172 1.23 7.06 -16.59
N SER A 173 1.96 7.01 -15.47
CA SER A 173 3.12 7.87 -15.31
C SER A 173 4.12 7.30 -14.33
N ALA A 174 5.35 7.78 -14.46
CA ALA A 174 6.42 7.54 -13.48
C ALA A 174 7.24 8.81 -13.36
N VAL A 175 7.89 8.99 -12.23
CA VAL A 175 8.65 10.19 -11.92
C VAL A 175 10.10 9.82 -11.64
N ALA A 176 11.01 10.67 -12.10
CA ALA A 176 12.43 10.57 -11.79
C ALA A 176 12.88 11.91 -11.23
N TRP A 177 13.75 11.85 -10.22
CA TRP A 177 14.38 13.06 -9.72
C TRP A 177 15.77 12.78 -9.17
N SER A 178 16.52 13.85 -8.94
CA SER A 178 17.89 13.74 -8.48
C SER A 178 18.33 15.02 -7.81
N ASN A 179 19.25 14.86 -6.87
CA ASN A 179 19.91 15.97 -6.19
C ASN A 179 21.03 16.57 -7.03
N LYS A 180 21.43 15.88 -8.10
CA LYS A 180 22.55 16.33 -8.92
C LYS A 180 22.17 17.52 -9.79
N SER A 181 23.06 18.51 -9.86
CA SER A 181 22.90 19.65 -10.76
C SER A 181 23.08 19.24 -12.22
N ASP A 182 23.68 18.06 -12.41
CA ASP A 182 23.96 17.50 -13.73
C ASP A 182 22.73 16.84 -14.37
N PHE A 183 21.70 16.58 -13.55
CA PHE A 183 20.53 15.77 -13.94
C PHE A 183 19.74 16.27 -15.14
N ALA A 184 19.53 15.39 -16.11
CA ALA A 184 18.83 15.72 -17.36
C ALA A 184 17.71 14.72 -17.66
N CYS A 185 16.55 15.24 -18.07
CA CYS A 185 15.40 14.39 -18.40
C CYS A 185 15.62 13.57 -19.68
N ALA A 186 16.50 14.02 -20.56
CA ALA A 186 16.86 13.25 -21.75
C ALA A 186 17.49 11.90 -21.38
N ASN A 187 18.18 11.89 -20.24
CA ASN A 187 18.98 10.77 -19.74
C ASN A 187 18.26 9.96 -18.65
N ALA A 188 17.27 10.56 -18.00
CA ALA A 188 16.72 10.06 -16.74
C ALA A 188 16.24 8.61 -16.78
N PHE A 189 15.50 8.26 -17.83
CA PHE A 189 14.88 6.94 -17.92
C PHE A 189 15.65 5.98 -18.86
N ASN A 190 16.95 6.19 -18.97
N ASN A 190 16.95 6.19 -19.03
CA ASN A 190 17.82 5.42 -19.89
CA ASN A 190 17.72 5.38 -19.98
C ASN A 190 17.82 3.91 -19.64
C ASN A 190 17.87 3.90 -19.65
N ASN A 191 17.60 3.51 -18.40
CA ASN A 191 17.60 2.09 -18.01
C ASN A 191 16.30 1.38 -18.43
N SER A 192 15.28 2.16 -18.79
CA SER A 192 14.00 1.63 -19.26
C SER A 192 13.99 1.48 -20.78
N ILE A 193 13.28 0.46 -21.25
CA ILE A 193 13.07 0.25 -22.67
C ILE A 193 11.76 0.93 -23.05
N ILE A 194 11.85 2.07 -23.73
CA ILE A 194 10.66 2.89 -23.99
C ILE A 194 10.40 2.99 -25.48
N PRO A 195 9.18 3.42 -25.88
CA PRO A 195 8.88 3.41 -27.31
C PRO A 195 9.82 4.28 -28.13
N GLU A 196 10.05 3.88 -29.37
CA GLU A 196 10.91 4.61 -30.28
C GLU A 196 10.33 5.98 -30.62
N ASP A 197 9.01 6.15 -30.43
CA ASP A 197 8.37 7.44 -30.73
C ASP A 197 8.00 8.24 -29.49
N THR A 198 8.67 7.96 -28.38
CA THR A 198 8.52 8.79 -27.19
C THR A 198 8.91 10.25 -27.49
N PHE A 199 8.07 11.17 -27.02
CA PHE A 199 8.22 12.61 -27.27
C PHE A 199 9.12 13.24 -26.21
N PHE A 200 10.19 13.89 -26.67
CA PHE A 200 11.12 14.61 -25.82
C PHE A 200 11.15 16.07 -26.26
N PRO A 201 10.28 16.91 -25.67
CA PRO A 201 10.24 18.33 -26.09
C PRO A 201 11.57 19.05 -25.86
N SER A 202 11.89 19.99 -26.76
N SER A 202 11.90 19.99 -26.75
CA SER A 202 13.15 20.73 -26.69
CA SER A 202 13.16 20.73 -26.68
C SER A 202 13.24 21.72 -25.52
C SER A 202 13.23 21.71 -25.51
N PRO A 203 12.18 22.53 -25.29
CA PRO A 203 12.22 23.50 -24.20
C PRO A 203 11.77 22.90 -22.88
N THR B 3 -15.54 -3.61 9.53
CA THR B 3 -15.90 -5.01 9.90
C THR B 3 -16.55 -5.12 11.28
N GLY B 4 -16.31 -4.12 12.14
CA GLY B 4 -16.76 -4.16 13.52
C GLY B 4 -15.61 -4.44 14.47
N VAL B 5 -14.46 -4.89 13.93
CA VAL B 5 -13.26 -5.10 14.75
C VAL B 5 -12.40 -3.83 14.70
N SER B 6 -12.04 -3.32 15.88
CA SER B 6 -11.21 -2.13 16.01
C SER B 6 -9.83 -2.50 16.55
N GLN B 7 -8.82 -1.72 16.14
CA GLN B 7 -7.47 -1.87 16.66
C GLN B 7 -6.86 -0.51 16.91
N ASN B 8 -6.06 -0.43 17.96
CA ASN B 8 -5.29 0.77 18.23
C ASN B 8 -3.94 0.42 18.85
N PRO B 9 -2.93 1.24 18.60
CA PRO B 9 -2.92 2.34 17.64
C PRO B 9 -2.84 1.83 16.20
N ARG B 10 -3.24 2.66 15.24
CA ARG B 10 -3.08 2.27 13.82
C ARG B 10 -1.60 2.21 13.40
N HIS B 11 -0.80 3.10 13.98
CA HIS B 11 0.64 3.17 13.71
C HIS B 11 1.40 3.29 15.03
N LYS B 12 2.57 2.66 15.08
CA LYS B 12 3.44 2.75 16.23
C LYS B 12 4.89 2.73 15.80
N ILE B 13 5.65 3.70 16.28
CA ILE B 13 7.09 3.75 16.11
C ILE B 13 7.71 3.57 17.50
N THR B 14 8.68 2.66 17.60
N THR B 14 8.67 2.65 17.61
CA THR B 14 9.39 2.47 18.87
CA THR B 14 9.35 2.43 18.89
C THR B 14 10.83 2.12 18.68
C THR B 14 10.81 2.09 18.70
N LYS B 15 11.61 2.44 19.71
CA LYS B 15 13.01 2.08 19.74
C LYS B 15 13.12 0.60 20.09
N ARG B 16 14.10 -0.06 19.49
CA ARG B 16 14.48 -1.41 19.87
C ARG B 16 14.77 -1.52 21.36
N GLY B 17 14.50 -2.70 21.91
CA GLY B 17 14.80 -2.97 23.31
C GLY B 17 13.76 -2.49 24.30
N GLN B 18 12.62 -2.02 23.79
CA GLN B 18 11.53 -1.54 24.62
C GLN B 18 10.31 -2.45 24.48
N ASN B 19 9.34 -2.27 25.38
CA ASN B 19 8.05 -2.93 25.27
C ASN B 19 7.05 -2.07 24.52
N VAL B 20 6.17 -2.72 23.78
CA VAL B 20 5.03 -2.02 23.16
C VAL B 20 3.77 -2.85 23.34
N THR B 21 2.63 -2.17 23.51
CA THR B 21 1.35 -2.86 23.66
C THR B 21 0.33 -2.37 22.64
N PHE B 22 -0.35 -3.33 21.99
CA PHE B 22 -1.41 -3.04 21.03
C PHE B 22 -2.70 -3.60 21.56
N ARG B 23 -3.81 -3.04 21.10
CA ARG B 23 -5.12 -3.45 21.55
C ARG B 23 -6.05 -3.75 20.39
N CYS B 24 -6.89 -4.76 20.59
CA CYS B 24 -7.94 -5.14 19.70
C CYS B 24 -9.28 -5.17 20.44
N ASP B 25 -10.30 -4.56 19.84
CA ASP B 25 -11.67 -4.62 20.34
C ASP B 25 -12.50 -5.36 19.32
N PRO B 26 -12.81 -6.64 19.60
CA PRO B 26 -13.52 -7.45 18.62
C PRO B 26 -14.99 -7.09 18.54
N ILE B 27 -15.68 -7.73 17.60
CA ILE B 27 -17.12 -7.54 17.46
C ILE B 27 -17.78 -8.01 18.75
N SER B 28 -18.76 -7.25 19.24
CA SER B 28 -19.46 -7.61 20.47
C SER B 28 -20.01 -9.02 20.36
N GLU B 29 -19.89 -9.78 21.45
CA GLU B 29 -20.45 -11.14 21.52
C GLU B 29 -19.56 -12.21 20.90
N HIS B 30 -18.54 -11.81 20.13
CA HIS B 30 -17.66 -12.81 19.50
C HIS B 30 -16.81 -13.49 20.58
N ASN B 31 -16.89 -14.81 20.59
N ASN B 31 -16.86 -14.82 20.66
CA ASN B 31 -16.24 -15.64 21.61
CA ASN B 31 -16.12 -15.49 21.74
C ASN B 31 -14.77 -15.88 21.30
C ASN B 31 -14.73 -15.99 21.34
N ARG B 32 -14.40 -15.81 20.02
N ARG B 32 -14.36 -15.81 20.07
CA ARG B 32 -13.06 -16.18 19.58
CA ARG B 32 -13.05 -16.23 19.62
C ARG B 32 -12.29 -14.96 19.11
C ARG B 32 -12.27 -15.03 19.06
N LEU B 33 -11.00 -14.91 19.46
CA LEU B 33 -10.13 -13.82 19.04
C LEU B 33 -8.77 -14.38 18.61
N TYR B 34 -8.26 -13.83 17.51
CA TYR B 34 -7.02 -14.28 16.89
C TYR B 34 -6.10 -13.09 16.68
N TRP B 35 -4.81 -13.30 16.89
CA TRP B 35 -3.77 -12.39 16.43
C TRP B 35 -2.90 -13.03 15.37
N TYR B 36 -2.56 -12.21 14.36
CA TYR B 36 -1.67 -12.58 13.25
C TYR B 36 -0.64 -11.47 13.05
N ARG B 37 0.51 -11.84 12.47
CA ARG B 37 1.56 -10.90 12.06
C ARG B 37 1.70 -10.99 10.55
N GLN B 38 1.90 -9.85 9.89
CA GLN B 38 2.20 -9.87 8.47
C GLN B 38 3.39 -8.96 8.19
N THR B 39 4.50 -9.55 7.77
CA THR B 39 5.72 -8.81 7.42
C THR B 39 5.66 -8.46 5.94
N LEU B 40 6.57 -7.56 5.54
CA LEU B 40 6.63 -7.03 4.18
C LEU B 40 6.56 -8.11 3.10
N GLY B 41 5.56 -8.02 2.23
CA GLY B 41 5.40 -8.92 1.09
C GLY B 41 5.22 -10.38 1.42
N GLN B 42 4.26 -10.69 2.29
CA GLN B 42 4.00 -12.06 2.74
C GLN B 42 2.56 -12.28 3.23
N GLY B 43 2.17 -13.54 3.36
CA GLY B 43 0.89 -13.88 3.96
C GLY B 43 0.95 -13.70 5.48
N PRO B 44 -0.18 -13.34 6.11
CA PRO B 44 -0.22 -13.32 7.56
C PRO B 44 0.17 -14.66 8.18
N GLU B 45 0.75 -14.57 9.37
CA GLU B 45 1.19 -15.72 10.14
C GLU B 45 0.53 -15.66 11.52
N PHE B 46 -0.04 -16.79 11.93
CA PHE B 46 -0.73 -16.89 13.21
C PHE B 46 0.19 -16.65 14.39
N LEU B 47 -0.31 -15.89 15.37
CA LEU B 47 0.39 -15.67 16.64
C LEU B 47 -0.29 -16.39 17.81
N THR B 48 -1.55 -16.05 18.07
CA THR B 48 -2.24 -16.64 19.21
C THR B 48 -3.76 -16.59 19.08
N TYR B 49 -4.43 -17.43 19.86
CA TYR B 49 -5.88 -17.62 19.82
C TYR B 49 -6.48 -17.69 21.21
N PHE B 50 -7.56 -16.95 21.42
CA PHE B 50 -8.35 -17.03 22.64
C PHE B 50 -9.74 -17.58 22.38
N GLN B 51 -10.20 -18.47 23.25
CA GLN B 51 -11.61 -18.78 23.37
C GLN B 51 -12.03 -18.19 24.70
N ASN B 52 -12.91 -17.20 24.66
CA ASN B 52 -13.24 -16.40 25.85
C ASN B 52 -11.92 -15.86 26.42
N GLU B 53 -11.62 -16.05 27.70
CA GLU B 53 -10.40 -15.51 28.29
C GLU B 53 -9.18 -16.42 28.14
N ALA B 54 -9.38 -17.65 27.65
CA ALA B 54 -8.35 -18.68 27.66
C ALA B 54 -7.54 -18.69 26.38
N GLN B 55 -6.22 -18.60 26.53
CA GLN B 55 -5.30 -18.65 25.40
C GLN B 55 -5.01 -20.13 25.10
N LEU B 56 -5.60 -20.64 24.02
CA LEU B 56 -5.61 -22.10 23.72
C LEU B 56 -4.68 -22.54 22.59
N GLU B 57 -4.09 -21.60 21.86
CA GLU B 57 -3.09 -21.94 20.87
C GLU B 57 -2.17 -20.76 20.71
N LYS B 58 -0.87 -21.06 20.57
CA LYS B 58 0.17 -20.07 20.38
C LYS B 58 1.18 -20.63 19.40
N SER B 59 1.71 -19.76 18.54
N SER B 59 1.69 -19.78 18.51
CA SER B 59 2.71 -20.18 17.58
CA SER B 59 2.68 -20.25 17.53
C SER B 59 3.99 -20.59 18.29
C SER B 59 3.99 -20.58 18.23
N ARG B 60 4.53 -21.75 17.91
CA ARG B 60 5.77 -22.26 18.51
C ARG B 60 7.00 -21.46 18.07
N LEU B 61 6.90 -20.82 16.91
CA LEU B 61 7.99 -20.01 16.37
C LEU B 61 8.30 -18.78 17.22
N LEU B 62 7.36 -18.36 18.07
CA LEU B 62 7.53 -17.14 18.87
C LEU B 62 7.84 -17.39 20.34
N SER B 63 8.48 -16.40 20.96
CA SER B 63 9.11 -16.55 22.26
C SER B 63 8.26 -15.98 23.40
N ASP B 64 8.77 -16.14 24.62
CA ASP B 64 8.13 -15.64 25.82
C ASP B 64 7.93 -14.12 25.82
N ARG B 65 8.71 -13.40 25.01
CA ARG B 65 8.62 -11.93 24.99
C ARG B 65 7.34 -11.38 24.36
N PHE B 66 6.61 -12.21 23.61
CA PHE B 66 5.25 -11.89 23.16
C PHE B 66 4.28 -12.35 24.24
N SER B 67 3.45 -11.42 24.73
CA SER B 67 2.52 -11.69 25.81
C SER B 67 1.15 -11.13 25.46
N ALA B 68 0.18 -12.02 25.27
CA ALA B 68 -1.18 -11.60 24.93
C ALA B 68 -2.13 -11.90 26.09
N GLU B 69 -3.13 -11.03 26.26
N GLU B 69 -3.13 -11.03 26.24
CA GLU B 69 -4.15 -11.23 27.29
CA GLU B 69 -4.12 -11.16 27.30
C GLU B 69 -5.51 -10.83 26.75
C GLU B 69 -5.51 -10.81 26.75
N ARG B 70 -6.55 -11.40 27.34
CA ARG B 70 -7.92 -11.05 27.00
C ARG B 70 -8.71 -11.19 28.30
N PRO B 71 -8.50 -10.25 29.22
CA PRO B 71 -8.84 -10.49 30.62
C PRO B 71 -10.33 -10.65 30.92
N LYS B 72 -11.19 -10.01 30.13
CA LYS B 72 -12.63 -10.10 30.33
C LYS B 72 -13.32 -10.86 29.21
N GLY B 73 -12.54 -11.53 28.37
CA GLY B 73 -13.09 -12.24 27.22
C GLY B 73 -13.62 -11.29 26.17
N SER B 74 -13.20 -10.04 26.22
CA SER B 74 -13.64 -9.02 25.27
C SER B 74 -12.42 -8.48 24.52
N PHE B 75 -11.95 -7.28 24.87
CA PHE B 75 -10.75 -6.74 24.26
C PHE B 75 -9.53 -7.59 24.58
N SER B 76 -8.55 -7.54 23.70
CA SER B 76 -7.29 -8.23 23.92
C SER B 76 -6.14 -7.26 23.70
N THR B 77 -5.09 -7.44 24.50
CA THR B 77 -3.84 -6.75 24.30
C THR B 77 -2.78 -7.72 23.87
N LEU B 78 -1.90 -7.25 22.99
CA LEU B 78 -0.71 -7.97 22.60
C LEU B 78 0.48 -7.09 22.97
N GLU B 79 1.32 -7.59 23.88
CA GLU B 79 2.55 -6.90 24.26
C GLU B 79 3.73 -7.60 23.64
N ILE B 80 4.57 -6.83 22.98
CA ILE B 80 5.85 -7.34 22.52
C ILE B 80 6.90 -6.74 23.44
N GLN B 81 7.56 -7.59 24.22
CA GLN B 81 8.65 -7.14 25.06
C GLN B 81 9.96 -7.22 24.29
N ARG B 82 10.90 -6.34 24.63
CA ARG B 82 12.25 -6.39 24.09
C ARG B 82 12.21 -6.39 22.56
N THR B 83 11.58 -5.36 22.02
CA THR B 83 11.39 -5.26 20.59
C THR B 83 12.70 -5.33 19.81
N GLU B 84 12.62 -5.95 18.63
CA GLU B 84 13.74 -6.01 17.69
C GLU B 84 13.27 -5.48 16.34
N GLN B 85 14.22 -5.08 15.50
CA GLN B 85 13.84 -4.58 14.18
C GLN B 85 13.06 -5.59 13.36
N GLY B 86 13.34 -6.87 13.55
CA GLY B 86 12.56 -7.95 12.88
C GLY B 86 11.07 -8.02 13.25
N ASP B 87 10.67 -7.37 14.34
CA ASP B 87 9.25 -7.29 14.73
C ASP B 87 8.46 -6.30 13.88
N SER B 88 9.12 -5.46 13.10
CA SER B 88 8.40 -4.51 12.25
C SER B 88 7.50 -5.27 11.29
N ALA B 89 6.21 -4.97 11.34
CA ALA B 89 5.16 -5.75 10.68
C ALA B 89 3.81 -5.10 10.95
N MET B 90 2.80 -5.58 10.23
N MET B 90 2.80 -5.61 10.25
CA MET B 90 1.42 -5.30 10.57
CA MET B 90 1.40 -5.32 10.52
C MET B 90 0.92 -6.39 11.50
C MET B 90 0.87 -6.39 11.46
N TYR B 91 0.27 -5.98 12.58
CA TYR B 91 -0.31 -6.90 13.56
C TYR B 91 -1.81 -6.81 13.41
N LEU B 92 -2.41 -7.94 13.04
CA LEU B 92 -3.82 -8.01 12.71
C LEU B 92 -4.56 -8.81 13.76
N CYS B 93 -5.70 -8.31 14.18
CA CYS B 93 -6.60 -9.02 15.06
C CYS B 93 -7.82 -9.44 14.25
N ALA B 94 -8.36 -10.62 14.58
CA ALA B 94 -9.62 -11.07 14.01
C ALA B 94 -10.48 -11.67 15.10
N SER B 95 -11.79 -11.67 14.87
CA SER B 95 -12.70 -12.34 15.79
C SER B 95 -13.72 -13.16 15.02
N SER B 96 -14.25 -14.19 15.68
CA SER B 96 -15.37 -14.96 15.15
C SER B 96 -16.39 -15.19 16.26
N LEU B 97 -17.65 -15.31 15.86
CA LEU B 97 -18.73 -15.50 16.81
C LEU B 97 -18.52 -16.78 17.59
N GLY B 98 -18.29 -17.88 16.87
CA GLY B 98 -18.10 -19.19 17.50
C GLY B 98 -17.26 -20.18 16.69
N GLY B 99 -16.25 -19.67 15.99
CA GLY B 99 -15.27 -20.50 15.29
C GLY B 99 -15.45 -20.68 13.80
N TYR B 100 -16.26 -19.83 13.19
CA TYR B 100 -16.50 -19.89 11.74
C TYR B 100 -15.82 -18.68 11.07
N GLU B 101 -16.53 -17.81 10.39
CA GLU B 101 -15.88 -16.72 9.66
C GLU B 101 -15.13 -15.79 10.61
N GLN B 102 -13.89 -15.46 10.23
CA GLN B 102 -13.05 -14.54 10.98
C GLN B 102 -13.15 -13.17 10.32
N TYR B 103 -13.42 -12.18 11.14
CA TYR B 103 -13.52 -10.79 10.70
C TYR B 103 -12.29 -10.07 11.21
N PHE B 104 -11.61 -9.38 10.29
CA PHE B 104 -10.31 -8.79 10.57
C PHE B 104 -10.41 -7.30 10.87
N GLY B 105 -9.60 -6.85 11.82
CA GLY B 105 -9.45 -5.44 12.12
C GLY B 105 -8.52 -4.77 11.12
N PRO B 106 -8.36 -3.45 11.26
CA PRO B 106 -7.58 -2.61 10.32
C PRO B 106 -6.07 -2.65 10.59
N GLY B 107 -5.65 -3.32 11.67
CA GLY B 107 -4.24 -3.54 11.95
C GLY B 107 -3.55 -2.44 12.73
N THR B 108 -2.43 -2.81 13.34
CA THR B 108 -1.46 -1.88 13.89
C THR B 108 -0.17 -2.08 13.10
N ARG B 109 0.32 -1.01 12.48
CA ARG B 109 1.58 -1.07 11.77
C ARG B 109 2.69 -0.61 12.68
N LEU B 110 3.58 -1.54 12.99
CA LEU B 110 4.71 -1.32 13.90
C LEU B 110 6.00 -1.17 13.10
N THR B 111 6.73 -0.10 13.34
CA THR B 111 8.13 -0.02 12.96
C THR B 111 9.00 0.09 14.21
N VAL B 112 9.94 -0.84 14.33
CA VAL B 112 10.94 -0.79 15.38
C VAL B 112 12.23 -0.24 14.77
N THR B 113 12.66 0.91 15.29
CA THR B 113 13.86 1.60 14.82
C THR B 113 15.05 1.35 15.75
N GLU B 114 16.25 1.48 15.19
CA GLU B 114 17.48 1.39 15.96
C GLU B 114 17.61 2.50 17.01
N ASP B 115 17.07 3.67 16.71
CA ASP B 115 17.24 4.87 17.52
C ASP B 115 16.18 5.88 17.08
N LEU B 116 15.57 6.57 18.04
CA LEU B 116 14.53 7.54 17.69
C LEU B 116 15.09 8.73 16.93
N LYS B 117 16.41 8.95 17.02
CA LYS B 117 17.06 10.00 16.23
C LYS B 117 17.04 9.72 14.72
N ASN B 118 16.61 8.52 14.33
CA ASN B 118 16.40 8.18 12.91
C ASN B 118 15.04 8.63 12.36
N VAL B 119 14.17 9.14 13.22
CA VAL B 119 12.82 9.50 12.83
C VAL B 119 12.79 10.93 12.30
N PHE B 120 12.25 11.10 11.11
CA PHE B 120 12.13 12.41 10.45
C PHE B 120 10.80 12.53 9.72
N PRO B 121 10.13 13.68 9.83
CA PRO B 121 8.96 13.89 9.01
C PRO B 121 9.36 14.22 7.57
N PRO B 122 8.40 14.14 6.64
CA PRO B 122 8.68 14.44 5.24
C PRO B 122 8.91 15.91 4.97
N GLU B 123 9.78 16.20 4.00
CA GLU B 123 9.75 17.46 3.29
C GLU B 123 8.82 17.24 2.10
N VAL B 124 8.00 18.23 1.78
CA VAL B 124 7.00 18.08 0.72
C VAL B 124 7.14 19.23 -0.26
N ALA B 125 7.15 18.90 -1.56
CA ALA B 125 7.22 19.90 -2.62
C ALA B 125 6.24 19.56 -3.73
N VAL B 126 5.69 20.60 -4.34
N VAL B 126 5.68 20.59 -4.36
CA VAL B 126 4.82 20.44 -5.51
CA VAL B 126 4.84 20.38 -5.52
C VAL B 126 5.57 21.01 -6.72
C VAL B 126 5.51 21.01 -6.72
N PHE B 127 5.53 20.26 -7.81
CA PHE B 127 6.15 20.66 -9.06
C PHE B 127 5.04 20.94 -10.04
N VAL B 128 5.14 22.07 -10.72
CA VAL B 128 4.02 22.57 -11.49
C VAL B 128 4.09 22.12 -12.94
N PRO B 129 2.93 22.09 -13.62
CA PRO B 129 2.87 21.51 -14.95
C PRO B 129 3.83 22.12 -15.98
N SER B 130 4.32 21.24 -16.85
CA SER B 130 5.16 21.56 -18.00
C SER B 130 4.37 22.33 -19.07
N GLU B 131 4.96 23.42 -19.59
CA GLU B 131 4.39 24.10 -20.74
C GLU B 131 4.28 23.16 -21.95
N ALA B 132 5.29 22.30 -22.11
CA ALA B 132 5.31 21.34 -23.19
C ALA B 132 4.18 20.31 -23.06
N GLU B 133 3.91 19.84 -21.83
CA GLU B 133 2.75 18.95 -21.63
C GLU B 133 1.45 19.65 -22.01
N ILE B 134 1.30 20.89 -21.55
CA ILE B 134 0.09 21.66 -21.81
C ILE B 134 -0.13 21.83 -23.32
N SER B 135 0.95 22.16 -24.03
CA SER B 135 0.89 22.35 -25.49
C SER B 135 0.56 21.05 -26.23
N HIS B 136 1.13 19.95 -25.76
CA HIS B 136 1.03 18.66 -26.46
C HIS B 136 -0.31 17.94 -26.20
N THR B 137 -0.82 18.06 -24.98
CA THR B 137 -1.94 17.23 -24.51
C THR B 137 -3.20 17.97 -24.06
N GLN B 138 -3.09 19.28 -23.85
N GLN B 138 -3.08 19.28 -23.86
CA GLN B 138 -4.18 20.07 -23.26
CA GLN B 138 -4.12 20.11 -23.24
C GLN B 138 -4.52 19.63 -21.82
C GLN B 138 -4.52 19.59 -21.85
N LYS B 139 -3.56 18.94 -21.20
CA LYS B 139 -3.72 18.50 -19.82
C LYS B 139 -2.49 19.00 -19.05
N ALA B 140 -2.60 18.98 -17.73
CA ALA B 140 -1.59 19.54 -16.87
C ALA B 140 -1.45 18.65 -15.63
N THR B 141 -0.26 18.08 -15.47
CA THR B 141 0.06 17.22 -14.34
C THR B 141 0.90 17.93 -13.31
N LEU B 142 0.41 17.93 -12.07
CA LEU B 142 1.18 18.37 -10.91
C LEU B 142 1.80 17.15 -10.26
N VAL B 143 3.03 17.29 -9.77
CA VAL B 143 3.70 16.20 -9.06
C VAL B 143 3.99 16.64 -7.64
N CYS B 144 3.59 15.81 -6.68
CA CYS B 144 3.95 15.99 -5.29
C CYS B 144 5.08 15.01 -4.96
N LEU B 145 6.09 15.50 -4.27
N LEU B 145 6.15 15.51 -4.36
CA LEU B 145 7.21 14.67 -3.86
CA LEU B 145 7.23 14.68 -3.84
C LEU B 145 7.45 14.84 -2.36
C LEU B 145 7.33 14.87 -2.34
N ALA B 146 7.25 13.76 -1.61
CA ALA B 146 7.52 13.72 -0.17
C ALA B 146 8.83 12.95 0.01
N THR B 147 9.79 13.58 0.65
CA THR B 147 11.14 13.02 0.73
C THR B 147 11.69 13.07 2.15
N GLY B 148 12.65 12.18 2.40
CA GLY B 148 13.43 12.19 3.63
C GLY B 148 12.71 11.79 4.90
N PHE B 149 11.65 11.01 4.80
CA PHE B 149 10.88 10.64 5.98
C PHE B 149 11.21 9.25 6.48
N TYR B 150 11.05 9.07 7.78
CA TYR B 150 11.18 7.77 8.41
C TYR B 150 10.46 7.82 9.75
N PRO B 151 9.63 6.79 10.07
CA PRO B 151 9.36 5.58 9.31
C PRO B 151 8.47 5.86 8.11
N ASP B 152 8.11 4.82 7.35
CA ASP B 152 7.30 4.99 6.14
C ASP B 152 5.79 5.06 6.38
N HIS B 153 5.38 5.68 7.48
N HIS B 153 5.39 5.63 7.53
CA HIS B 153 4.00 5.72 7.91
CA HIS B 153 4.00 5.75 7.95
C HIS B 153 3.39 7.06 7.52
C HIS B 153 3.45 7.10 7.49
N VAL B 154 2.94 7.13 6.27
CA VAL B 154 2.40 8.36 5.69
C VAL B 154 1.11 8.12 4.91
N GLU B 155 0.31 9.18 4.78
CA GLU B 155 -0.88 9.16 3.95
C GLU B 155 -0.89 10.46 3.15
N LEU B 156 -0.91 10.35 1.83
CA LEU B 156 -0.88 11.51 0.94
C LEU B 156 -2.27 11.73 0.36
N SER B 157 -2.70 12.99 0.32
CA SER B 157 -3.95 13.36 -0.32
C SER B 157 -3.80 14.67 -1.09
N TRP B 158 -4.66 14.86 -2.09
CA TRP B 158 -4.70 16.09 -2.87
C TRP B 158 -5.99 16.85 -2.63
N TRP B 159 -5.85 18.17 -2.61
CA TRP B 159 -6.95 19.08 -2.30
C TRP B 159 -6.99 20.18 -3.35
N VAL B 160 -8.15 20.33 -3.97
CA VAL B 160 -8.36 21.33 -4.99
C VAL B 160 -9.44 22.29 -4.47
N ASN B 161 -9.08 23.56 -4.33
CA ASN B 161 -9.96 24.56 -3.78
C ASN B 161 -10.59 24.15 -2.44
N GLY B 162 -9.78 23.51 -1.61
CA GLY B 162 -10.20 23.13 -0.27
C GLY B 162 -11.05 21.88 -0.17
N LYS B 163 -11.07 21.07 -1.23
CA LYS B 163 -11.85 19.83 -1.25
C LYS B 163 -10.96 18.68 -1.72
N GLU B 164 -11.01 17.57 -1.00
CA GLU B 164 -10.21 16.40 -1.35
C GLU B 164 -10.68 15.85 -2.67
N VAL B 165 -9.72 15.50 -3.53
CA VAL B 165 -10.04 14.93 -4.83
C VAL B 165 -9.46 13.54 -4.97
N HIS B 166 -10.15 12.70 -5.73
CA HIS B 166 -9.69 11.35 -6.04
C HIS B 166 -9.55 11.16 -7.54
N SER B 167 -10.45 11.78 -8.30
CA SER B 167 -10.34 11.74 -9.74
C SER B 167 -9.05 12.41 -10.19
N GLY B 168 -8.38 11.79 -11.16
CA GLY B 168 -7.18 12.36 -11.72
C GLY B 168 -5.93 12.22 -10.87
N VAL B 169 -5.98 11.36 -9.85
CA VAL B 169 -4.86 11.20 -8.90
C VAL B 169 -4.33 9.78 -8.98
N CYS B 170 -3.02 9.63 -8.88
CA CYS B 170 -2.47 8.36 -8.41
C CYS B 170 -1.21 8.55 -7.63
N THR B 171 -1.05 7.70 -6.62
CA THR B 171 0.05 7.77 -5.68
C THR B 171 0.80 6.48 -5.72
N ASP B 172 2.13 6.55 -5.58
CA ASP B 172 2.93 5.32 -5.53
C ASP B 172 2.37 4.46 -4.38
N PRO B 173 2.17 3.15 -4.63
CA PRO B 173 1.60 2.26 -3.62
C PRO B 173 2.56 2.06 -2.45
N GLN B 174 3.86 2.14 -2.73
CA GLN B 174 4.87 2.03 -1.68
C GLN B 174 5.95 3.08 -1.85
N PRO B 175 6.40 3.67 -0.73
CA PRO B 175 7.55 4.56 -0.76
C PRO B 175 8.81 3.82 -1.19
N LEU B 176 9.75 4.52 -1.81
CA LEU B 176 11.03 3.94 -2.16
C LEU B 176 12.07 4.34 -1.11
N LYS B 177 13.10 3.52 -0.97
CA LYS B 177 14.18 3.82 -0.04
C LYS B 177 15.20 4.74 -0.69
N GLU B 178 15.56 5.80 0.03
CA GLU B 178 16.57 6.75 -0.44
C GLU B 178 17.99 6.21 -0.34
N GLN B 179 18.24 5.29 0.60
CA GLN B 179 19.53 4.63 0.74
C GLN B 179 19.30 3.15 1.07
N PRO B 180 18.99 2.34 0.04
CA PRO B 180 18.52 0.95 0.24
C PRO B 180 19.52 -0.03 0.88
N ALA B 181 20.81 0.32 0.91
CA ALA B 181 21.82 -0.52 1.58
C ALA B 181 22.10 -0.02 3.00
N LEU B 182 21.34 0.97 3.46
CA LEU B 182 21.56 1.61 4.75
C LEU B 182 20.42 1.27 5.68
N ASN B 183 20.73 0.93 6.93
CA ASN B 183 19.70 0.56 7.90
C ASN B 183 18.89 1.78 8.36
N ASP B 184 17.57 1.60 8.46
CA ASP B 184 16.65 2.70 8.76
C ASP B 184 16.76 3.81 7.73
N SER B 185 16.97 3.43 6.47
CA SER B 185 16.93 4.37 5.34
C SER B 185 15.68 5.20 5.39
N ARG B 186 15.81 6.47 5.02
CA ARG B 186 14.64 7.30 4.85
C ARG B 186 14.01 6.99 3.50
N TYR B 187 12.80 7.52 3.33
CA TYR B 187 11.93 7.13 2.25
C TYR B 187 11.47 8.34 1.46
N ALA B 188 11.02 8.06 0.25
CA ALA B 188 10.40 9.05 -0.63
C ALA B 188 9.15 8.48 -1.24
N LEU B 189 8.20 9.37 -1.55
CA LEU B 189 6.92 8.99 -2.14
C LEU B 189 6.50 10.09 -3.10
N SER B 190 5.97 9.70 -4.26
N SER B 190 5.99 9.69 -4.26
CA SER B 190 5.45 10.67 -5.22
CA SER B 190 5.45 10.65 -5.22
C SER B 190 3.97 10.42 -5.52
C SER B 190 3.96 10.41 -5.51
N SER B 191 3.30 11.48 -5.96
CA SER B 191 1.90 11.40 -6.38
C SER B 191 1.70 12.37 -7.52
N ARG B 192 0.75 12.07 -8.38
CA ARG B 192 0.38 12.94 -9.52
C ARG B 192 -1.08 13.32 -9.40
N LEU B 193 -1.37 14.58 -9.75
CA LEU B 193 -2.73 15.06 -9.94
C LEU B 193 -2.78 15.67 -11.34
N ARG B 194 -3.67 15.17 -12.18
CA ARG B 194 -3.80 15.67 -13.52
C ARG B 194 -5.13 16.34 -13.72
N VAL B 195 -5.10 17.54 -14.30
CA VAL B 195 -6.31 18.32 -14.56
C VAL B 195 -6.26 18.82 -16.02
N SER B 196 -7.35 19.42 -16.50
CA SER B 196 -7.32 20.03 -17.83
C SER B 196 -6.39 21.24 -17.80
N ALA B 197 -5.78 21.56 -18.95
CA ALA B 197 -4.91 22.73 -19.02
C ALA B 197 -5.67 23.99 -18.64
N THR B 198 -6.93 24.09 -19.08
N THR B 198 -6.92 24.07 -19.10
CA THR B 198 -7.76 25.25 -18.76
CA THR B 198 -7.82 25.18 -18.77
C THR B 198 -7.95 25.41 -17.24
C THR B 198 -7.93 25.40 -17.27
N PHE B 199 -8.08 24.30 -16.53
CA PHE B 199 -8.25 24.35 -15.10
C PHE B 199 -6.97 24.83 -14.37
N TRP B 200 -5.82 24.35 -14.81
CA TRP B 200 -4.55 24.79 -14.24
C TRP B 200 -4.24 26.27 -14.56
N GLN B 201 -4.62 26.72 -15.76
CA GLN B 201 -4.23 28.07 -16.21
C GLN B 201 -5.04 29.20 -15.54
N ASP B 202 -6.01 28.81 -14.73
CA ASP B 202 -6.89 29.76 -14.04
C ASP B 202 -6.31 30.17 -12.68
N PRO B 203 -6.05 31.48 -12.47
CA PRO B 203 -5.41 31.93 -11.23
C PRO B 203 -6.30 31.82 -9.99
N ARG B 204 -7.56 31.47 -10.20
CA ARG B 204 -8.52 31.30 -9.11
C ARG B 204 -8.44 29.91 -8.47
N ASN B 205 -7.74 28.97 -9.11
CA ASN B 205 -7.64 27.60 -8.59
C ASN B 205 -6.40 27.31 -7.75
N HIS B 206 -6.63 26.59 -6.66
CA HIS B 206 -5.62 26.30 -5.66
C HIS B 206 -5.46 24.79 -5.53
N PHE B 207 -4.20 24.35 -5.47
CA PHE B 207 -3.86 22.93 -5.43
C PHE B 207 -2.96 22.68 -4.23
N ARG B 208 -3.27 21.66 -3.42
CA ARG B 208 -2.45 21.35 -2.26
C ARG B 208 -2.26 19.85 -2.15
N CYS B 209 -1.00 19.44 -1.96
CA CYS B 209 -0.64 18.07 -1.59
C CYS B 209 -0.43 18.05 -0.09
N GLN B 210 -1.10 17.11 0.59
CA GLN B 210 -1.05 16.97 2.04
C GLN B 210 -0.46 15.61 2.37
N VAL B 211 0.55 15.61 3.23
CA VAL B 211 1.14 14.37 3.72
C VAL B 211 0.98 14.30 5.24
N GLN B 212 0.12 13.39 5.69
CA GLN B 212 0.02 13.04 7.11
C GLN B 212 1.15 12.10 7.45
N PHE B 213 1.95 12.48 8.44
CA PHE B 213 3.06 11.69 8.93
C PHE B 213 2.70 11.20 10.33
N TYR B 214 2.91 9.92 10.58
CA TYR B 214 2.72 9.35 11.90
C TYR B 214 4.09 9.13 12.52
N GLY B 215 4.34 9.84 13.62
CA GLY B 215 5.66 9.90 14.24
C GLY B 215 5.58 9.62 15.72
N LEU B 216 6.41 10.32 16.48
CA LEU B 216 6.50 10.12 17.92
C LEU B 216 5.27 10.67 18.62
N SER B 217 4.94 10.07 19.77
CA SER B 217 3.79 10.50 20.57
C SER B 217 4.22 11.46 21.67
N GLU B 218 3.23 12.08 22.31
CA GLU B 218 3.47 13.08 23.35
C GLU B 218 4.34 12.55 24.49
N ASN B 219 4.13 11.28 24.86
CA ASN B 219 4.87 10.66 25.96
C ASN B 219 6.21 10.02 25.55
N ASP B 220 6.57 10.08 24.28
CA ASP B 220 7.92 9.65 23.84
C ASP B 220 8.97 10.67 24.26
N GLU B 221 10.08 10.18 24.82
CA GLU B 221 11.18 11.05 25.22
C GLU B 221 11.93 11.55 23.99
N TRP B 222 12.41 12.79 24.07
CA TRP B 222 13.17 13.38 22.96
C TRP B 222 14.30 14.26 23.50
N THR B 223 15.54 13.82 23.27
CA THR B 223 16.71 14.51 23.80
C THR B 223 17.64 15.05 22.71
N GLN B 224 17.20 15.03 21.46
CA GLN B 224 17.97 15.57 20.36
C GLN B 224 17.76 17.07 20.26
N ASP B 225 18.70 17.75 19.60
CA ASP B 225 18.67 19.20 19.46
C ASP B 225 17.59 19.68 18.48
N ARG B 226 17.34 18.90 17.42
CA ARG B 226 16.32 19.25 16.42
C ARG B 226 14.90 19.03 16.94
N ALA B 227 13.93 19.60 16.24
CA ALA B 227 12.53 19.50 16.67
C ALA B 227 12.08 18.03 16.76
N LYS B 228 11.26 17.75 17.77
CA LYS B 228 10.72 16.40 17.97
C LYS B 228 9.85 16.00 16.76
N PRO B 229 10.15 14.84 16.13
CA PRO B 229 9.42 14.43 14.92
C PRO B 229 8.09 13.75 15.27
N VAL B 230 7.18 14.55 15.80
CA VAL B 230 5.85 14.08 16.17
C VAL B 230 4.97 13.85 14.93
N THR B 231 3.86 13.16 15.16
CA THR B 231 2.78 13.03 14.20
C THR B 231 2.35 14.43 13.77
N GLN B 232 2.22 14.65 12.46
CA GLN B 232 1.98 15.98 11.92
C GLN B 232 1.62 15.90 10.45
N ILE B 233 1.01 16.98 9.95
CA ILE B 233 0.74 17.13 8.52
C ILE B 233 1.76 18.10 7.93
N VAL B 234 2.32 17.74 6.78
CA VAL B 234 3.20 18.61 6.02
C VAL B 234 2.56 18.75 4.63
N SER B 235 2.39 19.99 4.16
CA SER B 235 1.76 20.24 2.86
C SER B 235 2.65 21.10 1.96
N ALA B 236 2.38 21.03 0.66
CA ALA B 236 2.92 21.97 -0.32
C ALA B 236 1.77 22.39 -1.23
N GLU B 237 1.85 23.58 -1.80
N GLU B 237 1.85 23.62 -1.74
CA GLU B 237 0.73 24.08 -2.58
CA GLU B 237 0.73 24.27 -2.44
C GLU B 237 1.15 25.01 -3.69
C GLU B 237 1.19 24.95 -3.73
N ALA B 238 0.25 25.17 -4.64
CA ALA B 238 0.47 26.03 -5.81
C ALA B 238 -0.86 26.62 -6.24
N TRP B 239 -0.82 27.85 -6.74
CA TRP B 239 -1.98 28.45 -7.37
C TRP B 239 -1.81 28.32 -8.87
N GLY B 240 -2.93 28.13 -9.57
CA GLY B 240 -2.95 28.14 -11.02
C GLY B 240 -2.48 29.48 -11.59
N ARG B 241 -2.09 29.47 -12.85
CA ARG B 241 -1.74 30.72 -13.51
C ARG B 241 -1.62 30.49 -15.00
N ALA B 242 -1.84 31.57 -15.75
CA ALA B 242 -1.78 31.51 -17.21
C ALA B 242 -0.36 31.61 -17.76
N ASP B 243 0.60 31.98 -16.92
CA ASP B 243 1.99 32.08 -17.32
C ASP B 243 2.57 30.70 -17.62
#